data_5N49
#
_entry.id   5N49
#
_cell.length_a   56.556
_cell.length_b   56.983
_cell.length_c   102.340
_cell.angle_alpha   90.00
_cell.angle_beta   90.00
_cell.angle_gamma   90.00
#
_symmetry.space_group_name_H-M   'P 21 21 21'
#
loop_
_entity.id
_entity.type
_entity.pdbx_description
1 polymer 'Bromodomain-containing protein 1'
2 non-polymer 2-(1,3,6-trimethyl-2-oxidanylidene-benzimidazol-5-yl)benzo[de]isoquinoline-1,3-dione
3 water water
#
_entity_poly.entity_id   1
_entity_poly.type   'polypeptide(L)'
_entity_poly.pdbx_seq_one_letter_code
;SMEQVAMELRLTELTRLLRSVLDQLQDKDPARIFAQPVSLKEVPDYLDHIKHPMDFATMRKRLEAQGYKNLHEFEEDFDL
IIDNCMKYNARDTVFYRAAVRLRDQGGVVLRQARREVDSIGLEEASGMHLPERPA
;
_entity_poly.pdbx_strand_id   A,B
#
# COMPACT_ATOMS: atom_id res chain seq x y z
N SER A 1 18.35 -12.82 -31.79
CA SER A 1 19.56 -12.45 -31.05
C SER A 1 19.58 -13.10 -29.71
N MET A 2 20.76 -13.12 -29.13
CA MET A 2 20.97 -13.59 -27.72
C MET A 2 20.23 -12.72 -26.72
N GLU A 3 20.04 -11.46 -27.04
CA GLU A 3 19.27 -10.59 -26.14
C GLU A 3 17.80 -10.99 -26.13
N GLN A 4 17.25 -11.31 -27.29
CA GLN A 4 15.84 -11.74 -27.33
C GLN A 4 15.70 -13.07 -26.59
N VAL A 5 16.60 -13.96 -26.94
CA VAL A 5 16.63 -15.28 -26.22
C VAL A 5 16.65 -15.17 -24.73
N ALA A 6 17.65 -14.45 -24.23
CA ALA A 6 17.70 -14.30 -22.76
C ALA A 6 16.45 -13.61 -22.14
N MET A 7 15.84 -12.65 -22.84
CA MET A 7 14.65 -12.07 -22.29
C MET A 7 13.53 -13.07 -22.17
N GLU A 8 13.33 -13.85 -23.20
CA GLU A 8 12.34 -14.92 -23.18
C GLU A 8 12.59 -15.93 -22.15
N LEU A 9 13.87 -16.33 -21.93
CA LEU A 9 14.17 -17.27 -20.86
C LEU A 9 13.77 -16.68 -19.51
N ARG A 10 14.09 -15.40 -19.33
CA ARG A 10 13.67 -14.69 -18.10
C ARG A 10 12.19 -14.63 -17.88
N LEU A 11 11.43 -14.32 -18.93
CA LEU A 11 10.02 -14.25 -18.82
C LEU A 11 9.43 -15.61 -18.45
N THR A 12 9.98 -16.70 -19.01
CA THR A 12 9.50 -18.05 -18.70
C THR A 12 9.75 -18.43 -17.22
N GLU A 13 10.88 -18.06 -16.71
CA GLU A 13 11.20 -18.41 -15.31
C GLU A 13 10.44 -17.49 -14.33
N LEU A 14 10.21 -16.23 -14.71
CA LEU A 14 9.33 -15.39 -13.89
C LEU A 14 7.97 -15.97 -13.78
N THR A 15 7.38 -16.38 -14.90
CA THR A 15 6.05 -16.87 -14.92
C THR A 15 5.96 -18.13 -14.07
N ARG A 16 6.96 -19.02 -14.19
CA ARG A 16 6.95 -20.24 -13.38
C ARG A 16 6.97 -19.99 -11.86
N LEU A 17 7.82 -19.06 -11.50
CA LEU A 17 7.88 -18.57 -10.11
C LEU A 17 6.57 -17.98 -9.65
N LEU A 18 6.01 -17.08 -10.39
CA LEU A 18 4.77 -16.46 -9.93
C LEU A 18 3.63 -17.44 -9.86
N ARG A 19 3.58 -18.37 -10.79
CA ARG A 19 2.59 -19.39 -10.69
C ARG A 19 2.64 -20.26 -9.41
N SER A 20 3.86 -20.61 -9.03
CA SER A 20 4.10 -21.33 -7.77
C SER A 20 3.77 -20.49 -6.56
N VAL A 21 4.10 -19.20 -6.55
CA VAL A 21 3.73 -18.36 -5.49
C VAL A 21 2.25 -18.21 -5.31
N LEU A 22 1.56 -18.00 -6.46
CA LEU A 22 0.09 -17.88 -6.41
C LEU A 22 -0.58 -19.11 -5.84
N ASP A 23 -0.11 -20.26 -6.24
CA ASP A 23 -0.63 -21.49 -5.70
C ASP A 23 -0.39 -21.60 -4.18
N GLN A 24 0.80 -21.20 -3.72
CA GLN A 24 1.14 -21.27 -2.33
C GLN A 24 0.22 -20.29 -1.55
N LEU A 25 0.00 -19.06 -2.09
CA LEU A 25 -0.90 -18.14 -1.40
C LEU A 25 -2.31 -18.64 -1.30
N GLN A 26 -2.83 -19.14 -2.40
CA GLN A 26 -4.16 -19.67 -2.39
C GLN A 26 -4.36 -20.87 -1.44
N ASP A 27 -3.37 -21.72 -1.36
CA ASP A 27 -3.44 -22.80 -0.45
C ASP A 27 -3.62 -22.34 1.03
N LYS A 28 -3.20 -21.14 1.40
CA LYS A 28 -3.41 -20.58 2.74
C LYS A 28 -4.78 -20.02 2.90
N ASP A 29 -5.70 -20.08 1.89
CA ASP A 29 -7.06 -19.51 2.03
C ASP A 29 -8.08 -20.64 1.69
N PRO A 30 -8.15 -21.66 2.55
CA PRO A 30 -9.04 -22.71 2.26
C PRO A 30 -10.52 -22.33 2.46
N ALA A 31 -10.83 -21.29 3.16
CA ALA A 31 -12.18 -20.75 3.20
C ALA A 31 -12.57 -20.03 1.98
N ARG A 32 -11.60 -19.75 1.11
CA ARG A 32 -11.89 -19.04 -0.16
C ARG A 32 -12.47 -17.62 0.04
N ILE A 33 -11.97 -16.96 1.05
CA ILE A 33 -12.33 -15.60 1.36
C ILE A 33 -11.82 -14.69 0.23
N PHE A 34 -10.68 -15.04 -0.38
CA PHE A 34 -9.97 -14.14 -1.31
C PHE A 34 -10.00 -14.72 -2.67
N ALA A 35 -10.72 -15.82 -2.85
CA ALA A 35 -10.60 -16.57 -4.15
C ALA A 35 -11.23 -15.91 -5.37
N GLN A 36 -12.32 -15.21 -5.11
CA GLN A 36 -13.11 -14.65 -6.17
C GLN A 36 -13.43 -13.21 -5.84
N PRO A 37 -13.85 -12.39 -6.82
CA PRO A 37 -14.27 -11.03 -6.42
C PRO A 37 -15.40 -11.00 -5.44
N VAL A 38 -15.43 -10.07 -4.55
CA VAL A 38 -16.54 -9.87 -3.64
C VAL A 38 -17.82 -9.70 -4.50
N SER A 39 -18.91 -10.39 -4.19
CA SER A 39 -20.22 -10.20 -4.90
C SER A 39 -20.94 -8.93 -4.41
N LEU A 40 -21.31 -8.03 -5.33
CA LEU A 40 -22.21 -6.98 -4.99
C LEU A 40 -23.54 -7.35 -4.50
N LYS A 41 -24.03 -8.55 -4.85
CA LYS A 41 -25.25 -9.01 -4.34
C LYS A 41 -25.17 -9.38 -2.87
N GLU A 42 -24.14 -10.14 -2.51
CA GLU A 42 -23.92 -10.41 -1.11
C GLU A 42 -23.49 -9.16 -0.30
N VAL A 43 -22.69 -8.27 -0.87
CA VAL A 43 -22.14 -7.12 -0.17
C VAL A 43 -22.37 -5.83 -0.91
N PRO A 44 -23.60 -5.25 -0.83
CA PRO A 44 -23.94 -4.18 -1.81
C PRO A 44 -23.19 -2.88 -1.58
N ASP A 45 -22.62 -2.69 -0.38
CA ASP A 45 -21.92 -1.44 -0.16
C ASP A 45 -20.43 -1.51 -0.46
N TYR A 46 -19.96 -2.63 -0.99
CA TYR A 46 -18.45 -2.87 -1.00
C TYR A 46 -17.77 -1.83 -1.81
N LEU A 47 -18.29 -1.47 -3.00
CA LEU A 47 -17.68 -0.38 -3.78
C LEU A 47 -17.87 1.02 -3.33
N ASP A 48 -18.77 1.29 -2.37
CA ASP A 48 -18.76 2.64 -1.71
C ASP A 48 -17.43 2.94 -1.12
N HIS A 49 -16.74 1.90 -0.58
CA HIS A 49 -15.45 2.08 0.11
C HIS A 49 -14.21 1.61 -0.59
N ILE A 50 -14.34 0.57 -1.41
CA ILE A 50 -13.23 -0.05 -2.14
C ILE A 50 -13.25 0.31 -3.60
N LYS A 51 -12.27 1.06 -4.02
CA LYS A 51 -12.13 1.56 -5.43
C LYS A 51 -11.40 0.65 -6.37
N HIS A 52 -10.47 -0.20 -5.89
CA HIS A 52 -9.73 -1.13 -6.78
C HIS A 52 -9.82 -2.56 -6.25
N PRO A 53 -10.95 -3.24 -6.46
CA PRO A 53 -11.15 -4.59 -5.95
C PRO A 53 -10.10 -5.54 -6.54
N MET A 54 -9.74 -6.55 -5.77
CA MET A 54 -8.79 -7.58 -6.27
C MET A 54 -9.03 -8.93 -5.57
N ASP A 55 -8.70 -10.02 -6.24
CA ASP A 55 -8.93 -11.35 -5.73
C ASP A 55 -7.96 -12.26 -6.47
N PHE A 56 -7.84 -13.52 -5.99
CA PHE A 56 -6.89 -14.44 -6.56
C PHE A 56 -7.23 -14.94 -8.00
N ALA A 57 -8.55 -15.03 -8.36
CA ALA A 57 -8.94 -15.44 -9.71
C ALA A 57 -8.56 -14.36 -10.71
N THR A 58 -8.75 -13.08 -10.32
CA THR A 58 -8.33 -11.93 -11.14
C THR A 58 -6.81 -11.91 -11.34
N MET A 59 -6.04 -12.16 -10.23
CA MET A 59 -4.61 -12.32 -10.38
C MET A 59 -4.18 -13.45 -11.29
N ARG A 60 -4.83 -14.61 -11.17
CA ARG A 60 -4.45 -15.76 -12.00
C ARG A 60 -4.66 -15.48 -13.50
N LYS A 61 -5.74 -14.78 -13.80
CA LYS A 61 -6.03 -14.35 -15.23
C LYS A 61 -4.98 -13.41 -15.77
N ARG A 62 -4.57 -12.49 -14.92
CA ARG A 62 -3.49 -11.55 -15.30
C ARG A 62 -2.18 -12.31 -15.47
N LEU A 63 -1.85 -13.23 -14.52
CA LEU A 63 -0.63 -13.99 -14.70
C LEU A 63 -0.60 -14.81 -16.04
N GLU A 64 -1.65 -15.57 -16.30
CA GLU A 64 -1.71 -16.38 -17.48
C GLU A 64 -1.80 -15.54 -18.78
N ALA A 65 -2.11 -14.27 -18.66
CA ALA A 65 -2.13 -13.28 -19.85
C ALA A 65 -0.85 -12.55 -20.00
N GLN A 66 0.17 -12.94 -19.29
CA GLN A 66 1.48 -12.37 -19.37
C GLN A 66 1.44 -10.90 -18.93
N GLY A 67 0.57 -10.63 -18.00
CA GLY A 67 0.32 -9.35 -17.40
C GLY A 67 1.22 -8.88 -16.28
N TYR A 68 1.95 -9.80 -15.70
CA TYR A 68 2.94 -9.39 -14.66
C TYR A 68 4.32 -9.36 -15.30
N LYS A 69 4.88 -8.20 -15.34
CA LYS A 69 6.23 -7.99 -15.84
C LYS A 69 7.31 -8.22 -14.83
N ASN A 70 7.02 -8.21 -13.55
CA ASN A 70 8.03 -8.43 -12.52
C ASN A 70 7.30 -8.81 -11.23
N LEU A 71 8.05 -9.21 -10.19
CA LEU A 71 7.49 -9.61 -8.96
C LEU A 71 6.71 -8.52 -8.27
N HIS A 72 7.25 -7.32 -8.31
CA HIS A 72 6.64 -6.22 -7.63
C HIS A 72 5.22 -5.94 -8.06
N GLU A 73 4.93 -6.04 -9.38
CA GLU A 73 3.55 -5.92 -9.86
C GLU A 73 2.63 -6.96 -9.24
N PHE A 74 3.16 -8.16 -9.08
CA PHE A 74 2.40 -9.28 -8.48
C PHE A 74 2.17 -8.97 -6.99
N GLU A 75 3.20 -8.57 -6.31
CA GLU A 75 3.12 -8.13 -4.92
C GLU A 75 2.10 -7.06 -4.69
N GLU A 76 2.06 -6.09 -5.59
CA GLU A 76 1.10 -4.96 -5.48
C GLU A 76 -0.34 -5.44 -5.51
N ASP A 77 -0.62 -6.40 -6.41
CA ASP A 77 -1.91 -7.06 -6.44
C ASP A 77 -2.25 -7.85 -5.14
N PHE A 78 -1.31 -8.59 -4.58
CA PHE A 78 -1.61 -9.32 -3.34
C PHE A 78 -1.88 -8.32 -2.18
N ASP A 79 -1.08 -7.26 -2.13
CA ASP A 79 -1.27 -6.27 -1.11
C ASP A 79 -2.61 -5.58 -1.23
N LEU A 80 -3.10 -5.41 -2.47
CA LEU A 80 -4.39 -4.91 -2.67
C LEU A 80 -5.50 -5.78 -2.16
N ILE A 81 -5.34 -7.11 -2.32
CA ILE A 81 -6.28 -8.02 -1.71
C ILE A 81 -6.36 -7.86 -0.14
N ILE A 82 -5.21 -7.82 0.46
CA ILE A 82 -5.07 -7.71 1.88
C ILE A 82 -5.66 -6.32 2.33
N ASP A 83 -5.12 -5.26 1.71
CA ASP A 83 -5.53 -3.92 2.13
C ASP A 83 -7.00 -3.65 1.94
N ASN A 84 -7.61 -4.08 0.83
CA ASN A 84 -9.02 -3.87 0.70
C ASN A 84 -9.79 -4.58 1.83
N CYS A 85 -9.39 -5.79 2.18
CA CYS A 85 -10.11 -6.49 3.19
C CYS A 85 -9.98 -5.83 4.53
N MET A 86 -8.78 -5.39 4.87
CA MET A 86 -8.56 -4.71 6.12
C MET A 86 -9.24 -3.30 6.20
N LYS A 87 -9.41 -2.63 5.06
CA LYS A 87 -10.11 -1.33 5.01
C LYS A 87 -11.61 -1.56 5.13
N TYR A 88 -12.13 -2.53 4.38
CA TYR A 88 -13.59 -2.78 4.39
C TYR A 88 -14.14 -3.37 5.70
N ASN A 89 -13.45 -4.33 6.25
CA ASN A 89 -13.90 -5.04 7.43
C ASN A 89 -13.39 -4.43 8.65
N ALA A 90 -14.21 -4.43 9.71
CA ALA A 90 -13.78 -3.90 10.92
C ALA A 90 -12.73 -4.82 11.60
N ARG A 91 -11.77 -4.19 12.30
CA ARG A 91 -10.78 -4.83 13.02
C ARG A 91 -11.40 -5.91 13.89
N ASP A 92 -10.82 -7.06 13.99
CA ASP A 92 -11.44 -8.03 14.91
C ASP A 92 -12.62 -8.82 14.34
N THR A 93 -13.10 -8.49 13.14
CA THR A 93 -13.98 -9.43 12.45
C THR A 93 -13.19 -10.62 11.86
N VAL A 94 -13.94 -11.73 11.56
CA VAL A 94 -13.27 -12.91 11.03
C VAL A 94 -12.50 -12.63 9.75
N PHE A 95 -13.08 -11.90 8.82
CA PHE A 95 -12.35 -11.66 7.55
C PHE A 95 -11.15 -10.72 7.78
N TYR A 96 -11.22 -9.75 8.67
CA TYR A 96 -10.14 -8.85 8.87
C TYR A 96 -9.00 -9.71 9.45
N ARG A 97 -9.33 -10.58 10.43
CA ARG A 97 -8.29 -11.44 10.99
C ARG A 97 -7.67 -12.41 9.96
N ALA A 98 -8.49 -12.90 9.05
CA ALA A 98 -7.96 -13.75 7.94
C ALA A 98 -6.99 -12.99 7.03
N ALA A 99 -7.26 -11.72 6.79
CA ALA A 99 -6.36 -10.85 6.02
C ALA A 99 -5.05 -10.64 6.75
N VAL A 100 -5.07 -10.39 8.04
CA VAL A 100 -3.85 -10.22 8.80
C VAL A 100 -2.98 -11.53 8.74
N ARG A 101 -3.66 -12.66 8.95
CA ARG A 101 -3.08 -14.00 8.94
C ARG A 101 -2.38 -14.27 7.61
N LEU A 102 -3.12 -14.02 6.51
CA LEU A 102 -2.69 -14.24 5.17
C LEU A 102 -1.57 -13.26 4.77
N ARG A 103 -1.73 -12.00 5.18
CA ARG A 103 -0.63 -11.06 5.00
C ARG A 103 0.65 -11.52 5.58
N ASP A 104 0.63 -12.03 6.81
CA ASP A 104 1.85 -12.42 7.49
C ASP A 104 2.45 -13.74 6.89
N GLN A 105 1.60 -14.72 6.59
CA GLN A 105 2.03 -15.93 5.93
C GLN A 105 2.54 -15.67 4.49
N GLY A 106 1.82 -14.80 3.82
CA GLY A 106 2.19 -14.42 2.47
C GLY A 106 3.46 -13.64 2.37
N GLY A 107 3.75 -12.86 3.39
CA GLY A 107 4.97 -12.12 3.53
C GLY A 107 6.18 -13.08 3.49
N VAL A 108 6.03 -14.22 4.18
CA VAL A 108 7.08 -15.24 4.25
C VAL A 108 7.31 -15.76 2.85
N VAL A 109 6.27 -16.21 2.16
CA VAL A 109 6.33 -16.68 0.76
C VAL A 109 6.99 -15.65 -0.17
N LEU A 110 6.56 -14.41 -0.03
CA LEU A 110 6.96 -13.34 -0.94
C LEU A 110 8.44 -12.95 -0.72
N ARG A 111 8.89 -12.99 0.54
CA ARG A 111 10.31 -12.77 0.81
C ARG A 111 11.17 -13.83 0.18
N GLN A 112 10.70 -15.08 0.21
CA GLN A 112 11.40 -16.20 -0.44
C GLN A 112 11.41 -16.07 -1.96
N ALA A 113 10.28 -15.63 -2.53
CA ALA A 113 10.21 -15.39 -3.97
C ALA A 113 11.22 -14.29 -4.36
N ARG A 114 11.41 -13.24 -3.57
CA ARG A 114 12.38 -12.22 -3.93
C ARG A 114 13.82 -12.82 -3.90
N ARG A 115 14.16 -13.65 -2.91
CA ARG A 115 15.41 -14.37 -2.96
C ARG A 115 15.61 -15.16 -4.22
N GLU A 116 14.58 -15.83 -4.70
CA GLU A 116 14.66 -16.61 -5.94
C GLU A 116 14.80 -15.74 -7.13
N VAL A 117 14.07 -14.63 -7.18
CA VAL A 117 14.30 -13.66 -8.27
C VAL A 117 15.76 -13.29 -8.37
N ASP A 118 16.37 -12.97 -7.26
CA ASP A 118 17.79 -12.54 -7.29
C ASP A 118 18.69 -13.65 -7.69
N SER A 119 18.40 -14.85 -7.21
CA SER A 119 19.28 -15.98 -7.47
C SER A 119 19.16 -16.43 -8.98
N ILE A 120 17.95 -16.49 -9.49
CA ILE A 120 17.71 -16.95 -10.85
C ILE A 120 18.19 -15.88 -11.85
N GLY A 121 18.15 -14.63 -11.43
CA GLY A 121 18.56 -13.50 -12.27
C GLY A 121 17.47 -12.93 -13.11
N LEU A 122 16.23 -12.80 -12.56
CA LEU A 122 15.03 -12.13 -13.20
C LEU A 122 15.46 -10.65 -12.67
N ALA B 6 25.77 19.10 -6.32
CA ALA B 6 24.78 19.75 -7.32
C ALA B 6 23.32 19.23 -7.20
N MET B 7 23.21 17.91 -7.04
CA MET B 7 21.93 17.25 -6.77
C MET B 7 21.29 17.90 -5.56
N GLU B 8 22.09 18.16 -4.52
CA GLU B 8 21.53 18.75 -3.28
C GLU B 8 21.08 20.19 -3.47
N LEU B 9 21.74 20.95 -4.35
CA LEU B 9 21.23 22.28 -4.73
C LEU B 9 19.81 22.20 -5.32
N ARG B 10 19.60 21.32 -6.30
CA ARG B 10 18.27 21.08 -6.88
C ARG B 10 17.28 20.63 -5.77
N LEU B 11 17.67 19.57 -5.08
CA LEU B 11 16.97 19.02 -3.91
C LEU B 11 16.66 20.01 -2.73
N THR B 12 17.49 21.02 -2.49
CA THR B 12 17.20 22.15 -1.58
C THR B 12 15.91 22.89 -1.98
N GLU B 13 15.69 23.12 -3.27
CA GLU B 13 14.45 23.78 -3.75
C GLU B 13 13.21 22.90 -3.46
N LEU B 14 13.37 21.58 -3.65
CA LEU B 14 12.28 20.62 -3.46
C LEU B 14 11.81 20.59 -2.00
N THR B 15 12.79 20.44 -1.11
CA THR B 15 12.58 20.53 0.30
C THR B 15 11.72 21.75 0.61
N ARG B 16 12.15 22.93 0.18
CA ARG B 16 11.41 24.16 0.49
C ARG B 16 9.93 24.03 0.13
N LEU B 17 9.65 23.54 -1.08
CA LEU B 17 8.27 23.41 -1.53
C LEU B 17 7.51 22.37 -0.69
N LEU B 18 8.15 21.24 -0.41
CA LEU B 18 7.57 20.16 0.41
C LEU B 18 7.30 20.62 1.83
N ARG B 19 8.24 21.34 2.45
CA ARG B 19 7.97 22.02 3.74
C ARG B 19 6.64 22.82 3.75
N SER B 20 6.41 23.62 2.70
CA SER B 20 5.19 24.38 2.64
C SER B 20 3.95 23.46 2.49
N VAL B 21 4.10 22.41 1.70
CA VAL B 21 2.99 21.45 1.47
C VAL B 21 2.63 20.74 2.81
N LEU B 22 3.64 20.34 3.54
CA LEU B 22 3.45 19.60 4.77
C LEU B 22 2.82 20.48 5.84
N ASP B 23 3.24 21.77 5.91
CA ASP B 23 2.55 22.73 6.76
C ASP B 23 1.06 22.83 6.43
N GLN B 24 0.72 22.95 5.13
CA GLN B 24 -0.65 23.02 4.70
C GLN B 24 -1.42 21.75 5.07
N LEU B 25 -0.78 20.60 4.92
CA LEU B 25 -1.39 19.31 5.27
C LEU B 25 -1.70 19.21 6.76
N GLN B 26 -0.74 19.51 7.62
CA GLN B 26 -1.00 19.56 9.05
C GLN B 26 -2.14 20.51 9.39
N ASP B 27 -2.33 21.63 8.66
CA ASP B 27 -3.44 22.54 8.98
C ASP B 27 -4.76 21.90 8.71
N LYS B 28 -4.78 20.84 7.91
CA LYS B 28 -5.99 20.12 7.66
C LYS B 28 -6.27 19.04 8.74
N ASP B 29 -5.39 18.94 9.73
CA ASP B 29 -5.58 18.05 10.87
C ASP B 29 -5.55 18.89 12.14
N PRO B 30 -6.55 19.79 12.36
CA PRO B 30 -6.46 20.65 13.56
C PRO B 30 -6.60 19.84 14.90
N ALA B 31 -7.15 18.65 14.82
CA ALA B 31 -7.21 17.78 16.01
C ALA B 31 -5.86 17.21 16.41
N ARG B 32 -4.86 17.32 15.55
CA ARG B 32 -3.53 16.75 15.77
C ARG B 32 -3.51 15.25 15.86
N ILE B 33 -4.55 14.59 15.37
CA ILE B 33 -4.61 13.15 15.30
C ILE B 33 -3.41 12.49 14.60
N PHE B 34 -2.85 13.16 13.57
CA PHE B 34 -1.85 12.60 12.71
C PHE B 34 -0.46 13.27 12.91
N ALA B 35 -0.32 14.01 14.00
CA ALA B 35 0.84 14.92 14.18
C ALA B 35 2.04 14.20 14.74
N GLN B 36 1.83 13.02 15.31
CA GLN B 36 2.87 12.24 15.91
C GLN B 36 2.48 10.76 15.70
N PRO B 37 3.41 9.83 15.99
CA PRO B 37 3.09 8.40 15.90
C PRO B 37 1.88 8.06 16.70
N VAL B 38 1.07 7.18 16.15
CA VAL B 38 0.06 6.57 16.99
C VAL B 38 0.70 6.04 18.30
N SER B 39 0.16 6.45 19.43
CA SER B 39 0.72 6.06 20.74
C SER B 39 0.62 4.61 21.02
N LEU B 40 1.74 3.94 21.30
CA LEU B 40 1.69 2.54 21.62
C LEU B 40 1.33 2.32 23.07
N LYS B 41 1.36 3.40 23.85
CA LYS B 41 0.72 3.36 25.19
C LYS B 41 -0.81 3.22 25.08
N GLU B 42 -1.43 4.01 24.20
CA GLU B 42 -2.88 4.01 24.05
C GLU B 42 -3.35 2.81 23.25
N VAL B 43 -2.55 2.35 22.28
CA VAL B 43 -2.90 1.32 21.36
C VAL B 43 -1.77 0.25 21.36
N PRO B 44 -1.69 -0.55 22.44
CA PRO B 44 -0.55 -1.46 22.58
C PRO B 44 -0.44 -2.51 21.47
N ASP B 45 -1.54 -2.87 20.83
CA ASP B 45 -1.52 -3.87 19.77
C ASP B 45 -1.32 -3.26 18.34
N TYR B 46 -1.05 -1.96 18.25
CA TYR B 46 -1.13 -1.29 16.94
C TYR B 46 -0.17 -1.96 15.93
N LEU B 47 1.06 -2.29 16.34
CA LEU B 47 2.03 -2.81 15.36
C LEU B 47 1.72 -4.24 14.90
N ASP B 48 0.84 -4.96 15.58
CA ASP B 48 0.29 -6.20 15.05
C ASP B 48 -0.60 -5.96 13.86
N HIS B 49 -1.29 -4.82 13.83
CA HIS B 49 -2.19 -4.50 12.72
C HIS B 49 -1.50 -3.75 11.60
N ILE B 50 -0.64 -2.81 11.96
CA ILE B 50 -0.09 -1.87 11.03
C ILE B 50 1.40 -2.05 10.96
N LYS B 51 1.87 -2.46 9.79
CA LYS B 51 3.29 -2.82 9.64
C LYS B 51 4.20 -1.66 9.33
N HIS B 52 3.66 -0.54 8.81
CA HIS B 52 4.46 0.60 8.46
C HIS B 52 3.77 1.89 8.99
N PRO B 53 3.89 2.13 10.28
CA PRO B 53 3.31 3.36 10.86
C PRO B 53 3.87 4.64 10.21
N MET B 54 3.07 5.68 10.17
CA MET B 54 3.55 6.95 9.66
C MET B 54 2.68 8.05 10.23
N ASP B 55 3.27 9.25 10.27
CA ASP B 55 2.64 10.41 10.86
C ASP B 55 3.43 11.66 10.40
N PHE B 56 2.87 12.83 10.58
CA PHE B 56 3.47 14.07 10.05
C PHE B 56 4.83 14.45 10.68
N ALA B 57 5.06 14.07 11.93
CA ALA B 57 6.33 14.38 12.56
C ALA B 57 7.45 13.54 11.92
N THR B 58 7.13 12.27 11.69
CA THR B 58 8.03 11.37 11.03
C THR B 58 8.30 11.83 9.58
N MET B 59 7.29 12.33 8.86
CA MET B 59 7.54 12.97 7.54
C MET B 59 8.48 14.18 7.64
N ARG B 60 8.32 14.97 8.70
CA ARG B 60 9.00 16.23 8.84
C ARG B 60 10.46 15.91 9.09
N LYS B 61 10.76 14.96 9.96
CA LYS B 61 12.15 14.49 10.13
C LYS B 61 12.79 14.10 8.83
N ARG B 62 12.14 13.22 8.09
CA ARG B 62 12.63 12.79 6.79
C ARG B 62 12.83 13.97 5.81
N LEU B 63 11.88 14.88 5.77
CA LEU B 63 11.99 16.07 4.94
C LEU B 63 13.26 16.87 5.22
N GLU B 64 13.47 17.16 6.50
CA GLU B 64 14.53 18.01 6.96
C GLU B 64 15.91 17.29 6.88
N ALA B 65 15.96 15.96 6.82
CA ALA B 65 17.14 15.22 6.37
C ALA B 65 17.26 15.01 4.83
N GLN B 66 16.60 15.85 4.05
CA GLN B 66 16.68 15.75 2.59
C GLN B 66 16.40 14.30 2.14
N GLY B 67 15.47 13.63 2.83
CA GLY B 67 15.10 12.26 2.60
C GLY B 67 14.09 12.05 1.48
N TYR B 68 13.44 13.10 1.02
CA TYR B 68 12.51 12.98 -0.10
C TYR B 68 13.20 13.48 -1.37
N LYS B 69 13.48 12.54 -2.27
CA LYS B 69 14.15 12.89 -3.51
C LYS B 69 13.16 13.32 -4.57
N ASN B 70 11.86 13.10 -4.35
CA ASN B 70 10.86 13.57 -5.29
C ASN B 70 9.50 13.63 -4.54
N LEU B 71 8.51 14.16 -5.25
CA LEU B 71 7.20 14.38 -4.67
C LEU B 71 6.47 13.06 -4.45
N HIS B 72 6.67 12.11 -5.35
CA HIS B 72 6.07 10.83 -5.20
C HIS B 72 6.44 10.13 -3.88
N GLU B 73 7.70 10.20 -3.44
CA GLU B 73 8.09 9.59 -2.15
C GLU B 73 7.31 10.20 -0.96
N PHE B 74 7.12 11.51 -1.04
CA PHE B 74 6.38 12.26 -0.05
C PHE B 74 4.90 11.85 -0.07
N GLU B 75 4.29 11.77 -1.23
CA GLU B 75 2.90 11.33 -1.35
C GLU B 75 2.70 9.90 -0.88
N GLU B 76 3.68 9.04 -1.13
CA GLU B 76 3.64 7.72 -0.53
C GLU B 76 3.50 7.76 1.01
N ASP B 77 4.26 8.59 1.68
CA ASP B 77 4.16 8.63 3.14
C ASP B 77 2.82 9.29 3.59
N PHE B 78 2.34 10.30 2.85
CA PHE B 78 1.03 10.87 3.15
C PHE B 78 -0.08 9.78 3.03
N ASP B 79 -0.03 9.03 1.96
CA ASP B 79 -0.97 7.98 1.71
C ASP B 79 -0.92 6.89 2.79
N LEU B 80 0.27 6.54 3.28
CA LEU B 80 0.40 5.63 4.42
C LEU B 80 -0.38 6.11 5.64
N ILE B 81 -0.24 7.38 6.02
CA ILE B 81 -1.02 7.95 7.16
C ILE B 81 -2.51 7.62 7.01
N ILE B 82 -3.05 7.95 5.85
CA ILE B 82 -4.45 7.82 5.52
C ILE B 82 -4.86 6.32 5.51
N ASP B 83 -4.10 5.49 4.79
CA ASP B 83 -4.49 4.10 4.57
C ASP B 83 -4.37 3.31 5.87
N ASN B 84 -3.39 3.61 6.69
CA ASN B 84 -3.23 2.93 7.93
C ASN B 84 -4.46 3.21 8.82
N CYS B 85 -4.84 4.46 8.86
CA CYS B 85 -6.01 4.86 9.65
C CYS B 85 -7.33 4.24 9.20
N MET B 86 -7.56 4.12 7.89
CA MET B 86 -8.80 3.57 7.39
C MET B 86 -8.87 2.02 7.43
N LYS B 87 -7.73 1.42 7.71
CA LYS B 87 -7.62 -0.02 8.05
C LYS B 87 -7.88 -0.30 9.52
N TYR B 88 -7.15 0.38 10.39
CA TYR B 88 -7.23 0.11 11.82
C TYR B 88 -8.59 0.48 12.40
N ASN B 89 -9.12 1.61 11.98
CA ASN B 89 -10.37 2.16 12.60
C ASN B 89 -11.61 1.85 11.81
N ALA B 90 -12.71 1.64 12.50
CA ALA B 90 -13.99 1.47 11.84
C ALA B 90 -14.49 2.80 11.26
N ARG B 91 -15.42 2.70 10.33
CA ARG B 91 -15.87 3.85 9.59
C ARG B 91 -16.54 4.94 10.43
N ASP B 92 -17.24 4.58 11.49
CA ASP B 92 -17.96 5.68 12.22
C ASP B 92 -17.13 6.54 13.23
N THR B 93 -15.83 6.28 13.30
CA THR B 93 -14.98 6.77 14.37
C THR B 93 -14.44 8.16 14.03
N VAL B 94 -14.04 8.89 15.07
CA VAL B 94 -13.47 10.23 14.84
C VAL B 94 -12.17 10.07 13.99
N PHE B 95 -11.44 8.99 14.21
CA PHE B 95 -10.20 8.71 13.46
C PHE B 95 -10.41 8.45 11.98
N TYR B 96 -11.33 7.56 11.60
CA TYR B 96 -11.58 7.32 10.20
C TYR B 96 -12.09 8.57 9.51
N ARG B 97 -12.97 9.30 10.20
CA ARG B 97 -13.53 10.47 9.56
C ARG B 97 -12.48 11.54 9.42
N ALA B 98 -11.56 11.60 10.36
CA ALA B 98 -10.46 12.58 10.25
C ALA B 98 -9.54 12.25 9.06
N ALA B 99 -9.33 10.96 8.85
CA ALA B 99 -8.53 10.49 7.70
C ALA B 99 -9.23 10.81 6.37
N VAL B 100 -10.54 10.62 6.31
CA VAL B 100 -11.25 10.96 5.07
C VAL B 100 -11.11 12.45 4.76
N ARG B 101 -11.31 13.28 5.77
CA ARG B 101 -11.23 14.74 5.55
C ARG B 101 -9.83 15.15 5.17
N LEU B 102 -8.82 14.55 5.82
CA LEU B 102 -7.44 14.87 5.49
C LEU B 102 -7.10 14.44 4.04
N ARG B 103 -7.56 13.26 3.64
CA ARG B 103 -7.37 12.77 2.26
C ARG B 103 -8.05 13.74 1.26
N ASP B 104 -9.29 14.07 1.53
CA ASP B 104 -10.06 14.92 0.61
C ASP B 104 -9.44 16.29 0.52
N GLN B 105 -9.18 16.92 1.65
CA GLN B 105 -8.67 18.30 1.67
C GLN B 105 -7.22 18.33 1.25
N GLY B 106 -6.46 17.31 1.62
CA GLY B 106 -5.09 17.22 1.25
C GLY B 106 -4.91 17.01 -0.21
N GLY B 107 -5.78 16.23 -0.86
CA GLY B 107 -5.63 15.98 -2.29
C GLY B 107 -5.58 17.28 -3.11
N VAL B 108 -6.28 18.30 -2.64
CA VAL B 108 -6.37 19.57 -3.34
C VAL B 108 -5.00 20.21 -3.31
N VAL B 109 -4.42 20.22 -2.13
CA VAL B 109 -3.09 20.75 -1.90
C VAL B 109 -2.05 20.02 -2.75
N LEU B 110 -2.11 18.69 -2.80
CA LEU B 110 -1.11 17.90 -3.53
C LEU B 110 -1.19 18.00 -5.05
N ARG B 111 -2.40 18.15 -5.56
CA ARG B 111 -2.60 18.37 -6.96
C ARG B 111 -1.96 19.69 -7.39
N GLN B 112 -2.05 20.75 -6.58
CA GLN B 112 -1.31 21.97 -6.92
C GLN B 112 0.19 21.74 -6.77
N ALA B 113 0.62 21.06 -5.70
CA ALA B 113 2.04 20.74 -5.55
C ALA B 113 2.67 19.97 -6.76
N ARG B 114 1.97 18.97 -7.30
CA ARG B 114 2.45 18.23 -8.46
C ARG B 114 2.77 19.19 -9.63
N ARG B 115 1.92 20.20 -9.84
CA ARG B 115 2.16 21.24 -10.87
C ARG B 115 3.43 22.07 -10.65
N GLU B 116 3.64 22.51 -9.42
CA GLU B 116 4.82 23.28 -9.10
C GLU B 116 6.15 22.48 -9.23
N VAL B 117 6.09 21.17 -9.01
CA VAL B 117 7.28 20.34 -9.12
C VAL B 117 7.65 20.15 -10.58
N ASP B 118 6.66 19.85 -11.42
CA ASP B 118 6.88 19.66 -12.85
C ASP B 118 7.45 20.91 -13.57
N SER B 119 7.23 22.12 -13.03
CA SER B 119 7.91 23.35 -13.50
C SER B 119 9.45 23.25 -13.53
#